data_8UO8
#
_entry.id   8UO8
#
_cell.length_a   1.00
_cell.length_b   1.00
_cell.length_c   1.00
_cell.angle_alpha   90.00
_cell.angle_beta   90.00
_cell.angle_gamma   90.00
#
_symmetry.space_group_name_H-M   'P 1'
#
loop_
_entity.id
_entity.type
_entity.pdbx_description
1 polymer 'Synaptic vesicle glycoprotein 2B'
2 non-polymer 2-acetamido-2-deoxy-beta-D-glucopyranose
3 non-polymer (4R)-4-(2-chloro-2,2-difluoroethyl)-1-{[(4R)-2-(methoxymethyl)-6-(trifluoromethyl)imidazo[2,1-b][1,3,4]thiadiazol-5-yl]methyl}pyrrolidin-2-one
4 non-polymer 1,2-DIDECANOYL-SN-GLYCERO-3-[PHOSPHO-L-SERINE]
5 non-polymer (3beta,14beta,17beta,25R)-3-[4-methoxy-3-(methoxymethyl)butoxy]spirost-5-en
6 non-polymer '[(2R)-3-[oxidanyl-[2-(trimethyl-$l^{4}-azanyl)ethoxy]phosphoryl]oxy-2-propanoyloxy-propyl] propanoate'
7 non-polymer 'CHOLESTEROL HEMISUCCINATE'
8 water water
#
_entity_poly.entity_id   1
_entity_poly.type   'polypeptide(L)'
_entity_poly.pdbx_seq_one_letter_code
;MDDYKYQDNYGGYAPSDGYYRGNESNPEEDAQSDVTEGHDEEDEIYEGEYQGIPHPDDVKAKQAKMAPSRMDSLRGQTDL
MAERLEDEEQLAHQYETIMDECGHGRFQWILFFVLGLALMADGVEVFVVSFALPSAEKDMCLSSSKKGMLGMIVYLGMMA
GAFILGGLADKLGRKRVLSMSLAVNASFASLSSFVQGYGAFLFCRLISGIGIGGALPIVFAYFSEFLSREKRGEHLSWLG
IFWMTGGLYASAMAWSIIPHYGWGFSMGTNYHFHSWRVFVIVCALPCTVSMVALKFMPESPRFLLEMGKHDEAWMILKQV
HDTNMRAKGTPEKVFTVSNIKTPKQMDEFIEIQSSTGTWYQRWLVRFKTIFKQVWDNALYCVMGPYRMNTLILAVVWFAM
AFSYYGLTVWFPDMIRYFQDEEYKSKMKVFFGEHVYGATINFTMENQIHQHGKLVNDKFTRMYFKHVLFEDTFFDECYFE
DVTSTDTYFKNCTIESTIFYNTDLYEHKFINCRFINSTFLEQKEGCHMDLEQDNDFLIYLVSFLGSLSVLPGNIISALLM
DRIGRLKMIGGSMLISAVCCFFLFFGNSESAMIGWQCLFCGTSIAAWNALDVITVELYPTNQRATAFGILNGLCKFGAIL
GNTIFASFVGITKVVPILLAAASLVGGGLIALRLPETREQVLM
;
_entity_poly.pdbx_strand_id   A
#
# COMPACT_ATOMS: atom_id res chain seq x y z
N ASP A 87 -15.66 -27.98 29.64
CA ASP A 87 -14.38 -27.86 28.93
C ASP A 87 -14.40 -26.63 28.03
N GLU A 88 -13.45 -26.56 27.09
CA GLU A 88 -13.36 -25.39 26.22
C GLU A 88 -14.57 -25.28 25.30
N GLU A 89 -15.16 -26.41 24.90
CA GLU A 89 -16.37 -26.35 24.09
C GLU A 89 -17.51 -25.69 24.86
N GLN A 90 -17.69 -26.07 26.13
CA GLN A 90 -18.73 -25.45 26.94
C GLN A 90 -18.41 -24.00 27.22
N LEU A 91 -17.13 -23.67 27.40
CA LEU A 91 -16.73 -22.28 27.58
C LEU A 91 -17.12 -21.45 26.36
N ALA A 92 -16.84 -21.95 25.17
CA ALA A 92 -17.17 -21.22 23.96
C ALA A 92 -18.68 -21.10 23.78
N HIS A 93 -19.42 -22.16 24.10
CA HIS A 93 -20.88 -22.09 24.02
C HIS A 93 -21.42 -21.03 24.97
N GLN A 94 -20.91 -21.00 26.20
CA GLN A 94 -21.34 -20.00 27.17
C GLN A 94 -20.99 -18.59 26.70
N TYR A 95 -19.81 -18.42 26.11
CA TYR A 95 -19.41 -17.09 25.63
C TYR A 95 -20.28 -16.65 24.45
N GLU A 96 -20.65 -17.59 23.58
CA GLU A 96 -21.54 -17.24 22.49
C GLU A 96 -22.92 -16.85 23.00
N THR A 97 -23.45 -17.59 23.99
CA THR A 97 -24.71 -17.20 24.60
C THR A 97 -24.59 -15.82 25.25
N ILE A 98 -23.45 -15.54 25.87
CA ILE A 98 -23.22 -14.24 26.49
C ILE A 98 -23.30 -13.13 25.45
N MET A 99 -22.50 -13.24 24.40
CA MET A 99 -22.48 -12.22 23.36
C MET A 99 -23.81 -12.12 22.63
N ASP A 100 -24.61 -13.18 22.63
CA ASP A 100 -25.95 -13.09 22.07
C ASP A 100 -26.88 -12.34 23.00
N GLU A 101 -26.69 -12.48 24.31
CA GLU A 101 -27.45 -11.69 25.28
C GLU A 101 -27.11 -10.21 25.14
N CYS A 102 -25.82 -9.88 25.16
CA CYS A 102 -25.40 -8.49 24.99
C CYS A 102 -25.80 -7.96 23.62
N GLY A 103 -25.27 -8.56 22.56
CA GLY A 103 -25.62 -8.17 21.21
C GLY A 103 -24.77 -7.04 20.67
N HIS A 104 -25.36 -6.28 19.76
CA HIS A 104 -24.72 -5.14 19.14
C HIS A 104 -25.28 -3.84 19.69
N GLY A 105 -24.61 -2.74 19.34
CA GLY A 105 -25.11 -1.43 19.72
C GLY A 105 -24.04 -0.36 19.82
N ARG A 106 -24.12 0.45 20.88
CA ARG A 106 -23.27 1.63 20.98
C ARG A 106 -21.80 1.27 21.15
N PHE A 107 -21.50 0.02 21.49
CA PHE A 107 -20.13 -0.41 21.76
C PHE A 107 -19.46 -1.07 20.56
N GLN A 108 -20.17 -1.95 19.85
CA GLN A 108 -19.58 -2.61 18.69
C GLN A 108 -19.26 -1.59 17.59
N TRP A 109 -20.13 -0.61 17.39
CA TRP A 109 -19.86 0.43 16.41
C TRP A 109 -18.64 1.25 16.81
N ILE A 110 -18.53 1.59 18.10
CA ILE A 110 -17.37 2.32 18.58
C ILE A 110 -16.09 1.53 18.32
N LEU A 111 -16.13 0.24 18.62
CA LEU A 111 -14.94 -0.59 18.41
C LEU A 111 -14.62 -0.73 16.92
N PHE A 112 -15.65 -0.75 16.08
CA PHE A 112 -15.43 -0.86 14.64
C PHE A 112 -14.83 0.42 14.08
N PHE A 113 -15.19 1.57 14.64
CA PHE A 113 -14.57 2.82 14.23
C PHE A 113 -13.15 2.96 14.79
N VAL A 114 -12.91 2.46 15.99
CA VAL A 114 -11.58 2.56 16.59
C VAL A 114 -10.61 1.64 15.87
N LEU A 115 -10.86 0.34 15.90
CA LEU A 115 -9.96 -0.61 15.26
C LEU A 115 -9.85 -0.37 13.76
N GLY A 116 -10.86 0.26 13.15
CA GLY A 116 -10.74 0.61 11.75
C GLY A 116 -9.57 1.53 11.48
N LEU A 117 -9.33 2.48 12.38
CA LEU A 117 -8.22 3.41 12.22
C LEU A 117 -6.87 2.70 12.23
N ALA A 118 -6.80 1.48 12.74
CA ALA A 118 -5.56 0.71 12.69
C ALA A 118 -5.38 0.01 11.36
N LEU A 119 -6.44 -0.13 10.57
CA LEU A 119 -6.33 -0.56 9.19
C LEU A 119 -6.08 0.62 8.27
N MET A 120 -6.78 1.73 8.52
CA MET A 120 -6.52 2.97 7.81
C MET A 120 -5.02 3.24 7.74
N ALA A 121 -4.32 3.09 8.87
CA ALA A 121 -2.89 3.28 8.88
C ALA A 121 -2.17 2.22 8.06
N ASP A 122 -2.70 1.00 8.03
CA ASP A 122 -2.10 -0.03 7.21
C ASP A 122 -2.24 0.28 5.73
N GLY A 123 -3.39 0.83 5.33
CA GLY A 123 -3.55 1.29 3.96
C GLY A 123 -2.62 2.44 3.64
N VAL A 124 -2.49 3.40 4.56
CA VAL A 124 -1.57 4.51 4.36
C VAL A 124 -0.14 4.00 4.18
N GLU A 125 0.25 3.00 4.97
CA GLU A 125 1.61 2.46 4.86
C GLU A 125 1.79 1.68 3.56
N VAL A 126 0.80 0.88 3.19
CA VAL A 126 0.85 0.18 1.90
C VAL A 126 1.05 1.18 0.78
N PHE A 127 0.34 2.31 0.82
CA PHE A 127 0.53 3.34 -0.19
C PHE A 127 1.94 3.90 -0.12
N VAL A 128 2.36 4.36 1.05
CA VAL A 128 3.68 4.96 1.20
C VAL A 128 4.76 4.01 0.71
N VAL A 129 4.49 2.71 0.73
CA VAL A 129 5.50 1.71 0.40
C VAL A 129 5.47 1.35 -1.08
N SER A 130 4.28 1.33 -1.69
CA SER A 130 4.16 0.89 -3.08
C SER A 130 4.15 2.03 -4.08
N PHE A 131 3.54 3.16 -3.73
CA PHE A 131 3.32 4.25 -4.67
C PHE A 131 4.09 5.52 -4.34
N ALA A 132 4.33 5.82 -3.07
CA ALA A 132 5.13 6.99 -2.67
C ALA A 132 6.58 6.63 -2.43
N LEU A 133 7.03 5.51 -2.99
CA LEU A 133 8.43 5.09 -3.00
C LEU A 133 9.33 5.90 -3.94
N PRO A 134 8.81 6.54 -5.01
CA PRO A 134 9.70 6.95 -6.10
C PRO A 134 10.60 8.11 -5.74
N SER A 135 10.65 8.47 -4.46
CA SER A 135 11.49 9.56 -3.99
C SER A 135 12.91 9.47 -4.53
N ALA A 136 13.35 8.30 -4.99
CA ALA A 136 14.65 8.19 -5.64
C ALA A 136 14.63 8.59 -7.10
N GLU A 137 13.46 8.59 -7.74
CA GLU A 137 13.35 9.08 -9.10
C GLU A 137 13.98 10.47 -9.20
N LYS A 138 14.92 10.61 -10.13
CA LYS A 138 15.72 11.83 -10.21
C LYS A 138 14.81 13.01 -10.54
N ASP A 139 14.66 13.93 -9.58
CA ASP A 139 13.79 15.08 -9.78
C ASP A 139 14.22 15.92 -10.99
N MET A 140 15.51 15.89 -11.33
CA MET A 140 16.02 16.69 -12.43
C MET A 140 15.81 16.04 -13.79
N CYS A 141 15.41 14.78 -13.83
CA CYS A 141 15.21 14.05 -15.07
C CYS A 141 13.82 13.44 -15.09
N LEU A 142 13.25 13.37 -16.30
CA LEU A 142 11.95 12.78 -16.52
C LEU A 142 12.11 11.42 -17.18
N SER A 143 11.04 10.64 -17.14
CA SER A 143 11.00 9.25 -17.61
C SER A 143 11.78 8.32 -16.68
N SER A 144 12.30 8.82 -15.57
CA SER A 144 13.08 7.98 -14.68
C SER A 144 12.22 6.85 -14.11
N SER A 145 12.83 5.69 -13.95
CA SER A 145 12.12 4.51 -13.47
C SER A 145 12.02 4.54 -11.95
N LYS A 146 10.92 3.98 -11.43
CA LYS A 146 10.68 3.97 -10.01
C LYS A 146 11.76 3.15 -9.29
N LYS A 147 11.71 3.21 -7.96
CA LYS A 147 12.72 2.50 -7.14
C LYS A 147 12.10 1.22 -6.58
N GLY A 148 12.86 0.47 -5.79
CA GLY A 148 12.35 -0.77 -5.18
C GLY A 148 13.02 -0.95 -3.83
N MET A 149 13.09 0.11 -3.03
CA MET A 149 13.73 0.04 -1.70
C MET A 149 12.83 0.69 -0.65
N LEU A 150 12.22 1.85 -0.95
CA LEU A 150 11.43 2.55 0.10
C LEU A 150 10.71 1.51 0.94
N GLY A 151 9.92 0.68 0.29
CA GLY A 151 9.15 -0.25 1.12
C GLY A 151 9.33 -1.70 0.71
N MET A 152 9.97 -1.96 -0.43
CA MET A 152 10.22 -3.38 -0.72
C MET A 152 10.86 -3.97 0.53
N ILE A 153 11.69 -3.17 1.24
CA ILE A 153 12.32 -3.62 2.51
C ILE A 153 11.37 -3.39 3.69
N VAL A 154 10.48 -2.39 3.61
CA VAL A 154 9.48 -2.15 4.70
C VAL A 154 8.46 -3.29 4.69
N TYR A 155 8.22 -3.90 3.52
CA TYR A 155 7.34 -5.09 3.48
C TYR A 155 7.97 -6.17 4.35
N LEU A 156 9.29 -6.35 4.23
CA LEU A 156 10.00 -7.33 5.10
C LEU A 156 9.82 -6.87 6.55
N GLY A 157 9.65 -5.56 6.76
CA GLY A 157 9.34 -5.04 8.11
C GLY A 157 7.99 -5.58 8.55
N MET A 158 6.96 -5.50 7.70
CA MET A 158 5.58 -5.95 8.02
C MET A 158 5.55 -7.49 8.11
N MET A 159 6.57 -8.16 7.58
CA MET A 159 6.66 -9.65 7.59
C MET A 159 7.25 -10.12 8.93
N ALA A 160 8.00 -9.27 9.63
CA ALA A 160 8.63 -9.60 10.94
C ALA A 160 7.72 -9.14 12.06
N GLY A 161 6.95 -8.06 11.87
CA GLY A 161 5.97 -7.57 12.82
C GLY A 161 4.74 -8.45 12.90
N ALA A 162 4.35 -9.06 11.78
CA ALA A 162 3.24 -9.99 11.80
C ALA A 162 3.62 -11.30 12.47
N PHE A 163 4.85 -11.74 12.27
CA PHE A 163 5.32 -12.96 12.93
C PHE A 163 5.39 -12.76 14.44
N ILE A 164 6.10 -11.73 14.88
CA ILE A 164 6.36 -11.54 16.30
C ILE A 164 5.16 -10.90 16.99
N LEU A 165 4.84 -9.66 16.61
CA LEU A 165 3.77 -8.94 17.29
C LEU A 165 2.41 -9.59 17.08
N GLY A 166 2.23 -10.32 15.98
CA GLY A 166 0.99 -11.04 15.78
C GLY A 166 0.90 -12.34 16.56
N GLY A 167 2.03 -12.93 16.91
CA GLY A 167 2.05 -14.14 17.70
C GLY A 167 2.26 -13.87 19.17
N LEU A 168 2.81 -12.71 19.48
CA LEU A 168 3.00 -12.27 20.85
C LEU A 168 1.72 -11.77 21.48
N ALA A 169 0.61 -11.77 20.74
CA ALA A 169 -0.66 -11.29 21.26
C ALA A 169 -1.37 -12.35 22.07
N ASP A 170 -1.34 -13.60 21.59
CA ASP A 170 -1.99 -14.71 22.27
C ASP A 170 -1.33 -15.05 23.61
N LYS A 171 -0.21 -14.40 23.95
CA LYS A 171 0.46 -14.62 25.21
C LYS A 171 0.51 -13.39 26.10
N LEU A 172 0.42 -12.19 25.52
CA LEU A 172 0.41 -10.96 26.28
C LEU A 172 -0.92 -10.22 26.22
N GLY A 173 -1.66 -10.37 25.14
CA GLY A 173 -2.93 -9.69 24.96
C GLY A 173 -3.08 -9.18 23.54
N ARG A 174 -4.33 -8.87 23.19
CA ARG A 174 -4.64 -8.36 21.86
C ARG A 174 -4.74 -6.84 21.83
N LYS A 175 -4.79 -6.19 22.99
CA LYS A 175 -4.77 -4.74 23.08
C LYS A 175 -3.41 -4.21 23.50
N ARG A 176 -2.73 -4.90 24.42
CA ARG A 176 -1.39 -4.50 24.83
C ARG A 176 -0.45 -4.45 23.63
N VAL A 177 -0.36 -5.57 22.90
CA VAL A 177 0.56 -5.62 21.77
C VAL A 177 0.06 -4.77 20.62
N LEU A 178 -1.26 -4.64 20.46
CA LEU A 178 -1.78 -3.72 19.45
C LEU A 178 -1.39 -2.29 19.77
N SER A 179 -1.48 -1.91 21.04
CA SER A 179 -1.03 -0.58 21.45
C SER A 179 0.46 -0.40 21.18
N MET A 180 1.27 -1.40 21.53
CA MET A 180 2.71 -1.31 21.28
C MET A 180 2.99 -1.15 19.78
N SER A 181 2.30 -1.92 18.95
CA SER A 181 2.49 -1.84 17.51
C SER A 181 2.13 -0.45 16.99
N LEU A 182 0.94 0.03 17.33
CA LEU A 182 0.53 1.35 16.87
C LEU A 182 1.47 2.44 17.38
N ALA A 183 2.02 2.27 18.58
CA ALA A 183 2.93 3.29 19.10
C ALA A 183 4.26 3.25 18.35
N VAL A 184 4.78 2.07 18.08
CA VAL A 184 5.98 1.95 17.25
C VAL A 184 5.76 2.65 15.91
N ASN A 185 4.62 2.39 15.28
CA ASN A 185 4.33 2.97 13.98
C ASN A 185 4.24 4.49 14.07
N ALA A 186 3.45 5.01 15.01
CA ALA A 186 3.26 6.45 15.11
C ALA A 186 4.53 7.15 15.52
N SER A 187 5.45 6.47 16.21
CA SER A 187 6.70 7.09 16.61
C SER A 187 7.69 7.12 15.46
N PHE A 188 8.03 5.94 14.93
CA PHE A 188 8.99 5.87 13.83
C PHE A 188 8.43 6.37 12.51
N ALA A 189 7.17 6.82 12.48
CA ALA A 189 6.62 7.49 11.30
C ALA A 189 6.75 9.00 11.44
N SER A 190 6.19 9.56 12.51
CA SER A 190 6.37 10.98 12.78
C SER A 190 7.83 11.33 13.04
N LEU A 191 8.66 10.33 13.36
CA LEU A 191 10.09 10.57 13.51
C LEU A 191 10.78 10.68 12.16
N SER A 192 10.31 9.94 11.16
CA SER A 192 10.89 10.01 9.83
C SER A 192 10.70 11.37 9.17
N SER A 193 9.88 12.24 9.75
CA SER A 193 9.68 13.58 9.24
C SER A 193 10.76 14.55 9.68
N PHE A 194 11.85 14.05 10.25
CA PHE A 194 12.94 14.90 10.72
C PHE A 194 14.31 14.47 10.25
N VAL A 195 14.46 13.25 9.73
CA VAL A 195 15.76 12.80 9.26
C VAL A 195 16.25 13.70 8.13
N GLN A 196 17.56 13.70 7.93
CA GLN A 196 18.22 14.49 6.90
C GLN A 196 18.83 13.59 5.82
N GLY A 197 18.15 12.50 5.50
CA GLY A 197 18.64 11.58 4.50
C GLY A 197 17.63 10.48 4.24
N TYR A 198 17.96 9.65 3.27
CA TYR A 198 17.09 8.53 2.91
C TYR A 198 17.35 7.28 3.74
N GLY A 199 18.61 7.03 4.13
CA GLY A 199 18.90 5.86 4.92
C GLY A 199 18.15 5.85 6.24
N ALA A 200 18.13 6.99 6.92
CA ALA A 200 17.40 7.08 8.17
C ALA A 200 15.90 7.03 7.94
N PHE A 201 15.43 7.68 6.87
CA PHE A 201 14.02 7.60 6.52
C PHE A 201 13.60 6.16 6.25
N LEU A 202 14.45 5.42 5.54
CA LEU A 202 14.15 4.02 5.26
C LEU A 202 14.15 3.19 6.54
N PHE A 203 15.18 3.37 7.37
CA PHE A 203 15.27 2.65 8.63
C PHE A 203 14.13 2.97 9.58
N CYS A 204 13.49 4.13 9.42
CA CYS A 204 12.35 4.51 10.24
C CYS A 204 11.05 3.93 9.70
N ARG A 205 10.82 4.07 8.38
CA ARG A 205 9.64 3.47 7.79
C ARG A 205 9.65 1.96 7.93
N LEU A 206 10.83 1.35 7.99
CA LEU A 206 10.92 -0.08 8.22
C LEU A 206 10.27 -0.46 9.54
N ILE A 207 10.63 0.23 10.62
CA ILE A 207 10.08 -0.08 11.93
C ILE A 207 8.60 0.31 12.00
N SER A 208 8.22 1.40 11.32
CA SER A 208 6.80 1.74 11.26
C SER A 208 6.00 0.62 10.60
N GLY A 209 6.53 0.05 9.52
CA GLY A 209 5.87 -1.07 8.89
C GLY A 209 5.83 -2.28 9.79
N ILE A 210 6.92 -2.55 10.51
CA ILE A 210 6.91 -3.61 11.52
C ILE A 210 5.69 -3.46 12.42
N GLY A 211 5.58 -2.28 13.04
CA GLY A 211 4.47 -1.99 13.92
C GLY A 211 3.12 -2.23 13.28
N ILE A 212 2.85 -1.58 12.14
CA ILE A 212 1.50 -1.65 11.59
C ILE A 212 1.18 -3.05 11.09
N GLY A 213 2.17 -3.78 10.57
CA GLY A 213 1.93 -5.12 10.11
C GLY A 213 1.68 -6.08 11.25
N GLY A 214 2.29 -5.83 12.41
CA GLY A 214 1.90 -6.57 13.59
C GLY A 214 0.52 -6.17 14.09
N ALA A 215 0.11 -4.94 13.80
CA ALA A 215 -1.18 -4.45 14.27
C ALA A 215 -2.34 -5.05 13.49
N LEU A 216 -2.22 -5.16 12.17
CA LEU A 216 -3.34 -5.60 11.34
C LEU A 216 -3.97 -6.90 11.84
N PRO A 217 -3.22 -8.00 11.92
CA PRO A 217 -3.85 -9.27 12.30
C PRO A 217 -4.55 -9.23 13.65
N ILE A 218 -3.92 -8.58 14.64
CA ILE A 218 -4.52 -8.47 15.95
C ILE A 218 -5.89 -7.80 15.86
N VAL A 219 -6.10 -6.93 14.88
CA VAL A 219 -7.39 -6.26 14.76
C VAL A 219 -8.49 -7.28 14.51
N PHE A 220 -8.26 -8.20 13.57
CA PHE A 220 -9.27 -9.20 13.26
C PHE A 220 -9.35 -10.28 14.32
N ALA A 221 -8.26 -10.54 15.03
CA ALA A 221 -8.31 -11.49 16.14
C ALA A 221 -8.84 -10.87 17.43
N TYR A 222 -9.03 -9.56 17.46
CA TYR A 222 -9.51 -8.82 18.62
C TYR A 222 -10.94 -8.36 18.49
N PHE A 223 -11.38 -7.96 17.30
CA PHE A 223 -12.78 -7.66 17.06
C PHE A 223 -13.61 -8.91 16.83
N SER A 224 -12.98 -10.04 16.50
CA SER A 224 -13.66 -11.30 16.33
C SER A 224 -14.04 -11.96 17.64
N GLU A 225 -13.92 -11.25 18.76
CA GLU A 225 -14.23 -11.77 20.08
C GLU A 225 -15.29 -10.94 20.79
N PHE A 226 -15.92 -10.00 20.09
CA PHE A 226 -17.02 -9.22 20.63
C PHE A 226 -18.31 -9.43 19.87
N LEU A 227 -18.31 -10.23 18.82
CA LEU A 227 -19.45 -10.36 17.92
C LEU A 227 -20.31 -11.57 18.31
N SER A 228 -21.27 -11.89 17.46
CA SER A 228 -22.14 -13.04 17.63
C SER A 228 -22.08 -13.90 16.37
N ARG A 229 -22.18 -15.22 16.56
CA ARG A 229 -22.10 -16.14 15.44
C ARG A 229 -23.14 -15.83 14.36
N GLU A 230 -24.23 -15.15 14.72
CA GLU A 230 -25.28 -14.86 13.75
C GLU A 230 -24.76 -14.01 12.61
N LYS A 231 -23.95 -12.99 12.93
CA LYS A 231 -23.48 -12.03 11.93
C LYS A 231 -22.00 -11.72 12.13
N ARG A 232 -21.19 -12.77 12.33
CA ARG A 232 -19.75 -12.57 12.45
C ARG A 232 -19.10 -12.23 11.12
N GLY A 233 -19.77 -12.49 10.00
CA GLY A 233 -19.20 -12.23 8.70
C GLY A 233 -19.45 -10.82 8.21
N GLU A 234 -20.69 -10.35 8.34
CA GLU A 234 -21.03 -9.00 7.93
C GLU A 234 -20.29 -7.97 8.77
N HIS A 235 -20.45 -8.04 10.10
CA HIS A 235 -19.86 -7.05 10.98
C HIS A 235 -18.34 -7.14 11.05
N LEU A 236 -17.75 -8.16 10.44
CA LEU A 236 -16.30 -8.30 10.36
C LEU A 236 -15.76 -7.97 8.98
N SER A 237 -16.62 -7.87 7.97
CA SER A 237 -16.18 -7.52 6.63
C SER A 237 -16.18 -6.03 6.38
N TRP A 238 -17.06 -5.28 7.05
CA TRP A 238 -17.07 -3.83 6.89
C TRP A 238 -15.73 -3.22 7.25
N LEU A 239 -14.97 -3.87 8.13
CA LEU A 239 -13.68 -3.33 8.56
C LEU A 239 -12.79 -2.98 7.37
N GLY A 240 -12.91 -3.71 6.27
CA GLY A 240 -12.11 -3.40 5.10
C GLY A 240 -12.41 -2.04 4.52
N ILE A 241 -13.52 -1.43 4.92
CA ILE A 241 -13.84 -0.07 4.47
C ILE A 241 -12.79 0.92 4.92
N PHE A 242 -12.05 0.60 5.98
CA PHE A 242 -11.02 1.50 6.50
C PHE A 242 -9.69 1.36 5.77
N TRP A 243 -9.38 0.17 5.27
CA TRP A 243 -8.22 0.04 4.38
C TRP A 243 -8.41 0.90 3.14
N MET A 244 -9.55 0.76 2.48
CA MET A 244 -9.91 1.65 1.39
C MET A 244 -9.83 3.11 1.82
N THR A 245 -10.28 3.41 3.03
CA THR A 245 -10.28 4.80 3.49
C THR A 245 -8.86 5.33 3.63
N GLY A 246 -7.94 4.50 4.11
CA GLY A 246 -6.56 4.92 4.19
C GLY A 246 -5.93 5.07 2.82
N GLY A 247 -6.31 4.21 1.89
CA GLY A 247 -5.85 4.39 0.51
C GLY A 247 -6.27 5.72 -0.06
N LEU A 248 -7.55 6.08 0.12
CA LEU A 248 -8.03 7.38 -0.35
C LEU A 248 -7.30 8.52 0.36
N TYR A 249 -7.22 8.44 1.69
CA TYR A 249 -6.51 9.45 2.46
C TYR A 249 -5.11 9.69 1.91
N ALA A 250 -4.35 8.62 1.73
CA ALA A 250 -2.96 8.75 1.29
C ALA A 250 -2.88 9.27 -0.13
N SER A 251 -3.67 8.70 -1.05
CA SER A 251 -3.64 9.16 -2.42
C SER A 251 -3.94 10.64 -2.52
N ALA A 252 -4.98 11.09 -1.81
CA ALA A 252 -5.38 12.50 -1.87
C ALA A 252 -4.33 13.39 -1.24
N MET A 253 -3.93 13.09 0.00
CA MET A 253 -2.93 13.91 0.67
C MET A 253 -1.55 13.77 0.03
N ALA A 254 -1.39 12.90 -0.96
CA ALA A 254 -0.15 12.79 -1.71
C ALA A 254 -0.18 13.60 -2.99
N TRP A 255 -1.19 13.40 -3.84
CA TRP A 255 -1.29 14.29 -5.00
C TRP A 255 -1.67 15.71 -4.60
N SER A 256 -1.93 15.96 -3.32
CA SER A 256 -2.16 17.30 -2.81
C SER A 256 -0.95 17.88 -2.08
N ILE A 257 0.02 17.05 -1.71
CA ILE A 257 1.17 17.50 -0.93
C ILE A 257 2.47 17.13 -1.64
N ILE A 258 2.61 15.87 -2.02
CA ILE A 258 3.81 15.41 -2.72
C ILE A 258 3.45 14.98 -4.14
N PRO A 259 2.96 15.88 -4.99
CA PRO A 259 2.69 15.49 -6.38
C PRO A 259 3.95 15.31 -7.21
N HIS A 260 5.12 15.57 -6.64
CA HIS A 260 6.39 15.49 -7.33
C HIS A 260 7.17 14.26 -6.87
N TYR A 261 8.36 14.09 -7.44
CA TYR A 261 9.22 12.98 -7.08
C TYR A 261 10.66 13.47 -7.00
N GLY A 262 11.49 12.67 -6.34
CA GLY A 262 12.90 12.98 -6.22
C GLY A 262 13.22 13.75 -4.95
N TRP A 263 12.55 13.42 -3.86
CA TRP A 263 12.88 14.00 -2.56
C TRP A 263 13.72 13.07 -1.70
N GLY A 264 14.05 11.87 -2.18
CA GLY A 264 15.01 11.02 -1.53
C GLY A 264 16.39 11.16 -2.13
N PHE A 265 16.97 12.35 -2.02
CA PHE A 265 18.24 12.69 -2.67
C PHE A 265 19.15 13.40 -1.69
N SER A 266 19.30 12.82 -0.49
CA SER A 266 20.00 13.46 0.63
C SER A 266 19.18 14.64 1.15
N MET A 267 17.90 14.39 1.36
CA MET A 267 16.96 15.35 1.90
C MET A 267 17.60 16.18 3.02
N GLY A 268 17.34 17.49 2.98
CA GLY A 268 17.81 18.39 4.02
C GLY A 268 16.78 18.59 5.11
N THR A 269 17.12 19.47 6.05
CA THR A 269 16.25 19.82 7.18
C THR A 269 15.88 21.30 7.03
N ASN A 270 14.80 21.56 6.31
CA ASN A 270 14.30 22.91 6.07
C ASN A 270 12.92 22.78 5.45
N TYR A 271 12.35 23.90 5.02
CA TYR A 271 11.03 23.95 4.39
C TYR A 271 11.12 24.44 2.96
N HIS A 272 12.11 23.95 2.21
CA HIS A 272 12.22 24.19 0.77
C HIS A 272 11.94 22.86 0.07
N PHE A 273 10.86 22.82 -0.71
CA PHE A 273 10.37 21.60 -1.35
C PHE A 273 10.31 20.43 -0.37
N HIS A 274 10.21 20.72 0.92
CA HIS A 274 10.12 19.70 1.96
C HIS A 274 8.67 19.48 2.37
N SER A 275 7.88 19.00 1.43
CA SER A 275 6.47 18.71 1.67
C SER A 275 6.23 17.27 2.07
N TRP A 276 7.14 16.37 1.70
CA TRP A 276 7.02 14.99 2.14
C TRP A 276 6.98 14.89 3.66
N ARG A 277 7.56 15.87 4.36
CA ARG A 277 7.49 15.88 5.81
C ARG A 277 6.07 16.14 6.29
N VAL A 278 5.43 17.18 5.75
CA VAL A 278 4.04 17.45 6.08
C VAL A 278 3.16 16.28 5.68
N PHE A 279 3.52 15.56 4.63
CA PHE A 279 2.73 14.41 4.21
C PHE A 279 2.87 13.26 5.20
N VAL A 280 4.11 12.95 5.60
CA VAL A 280 4.34 11.90 6.58
C VAL A 280 3.71 12.25 7.91
N ILE A 281 3.59 13.54 8.21
CA ILE A 281 2.91 13.95 9.44
C ILE A 281 1.40 13.80 9.30
N VAL A 282 0.85 14.21 8.15
CA VAL A 282 -0.56 13.97 7.89
C VAL A 282 -0.86 12.49 7.99
N CYS A 283 0.00 11.66 7.41
CA CYS A 283 -0.05 10.24 7.68
C CYS A 283 0.38 9.97 9.11
N ALA A 284 0.02 8.80 9.62
CA ALA A 284 0.17 8.39 11.02
C ALA A 284 -0.91 9.03 11.89
N LEU A 285 -1.75 9.91 11.33
CA LEU A 285 -2.89 10.43 12.10
C LEU A 285 -3.89 9.33 12.42
N PRO A 286 -4.31 8.50 11.48
CA PRO A 286 -5.18 7.36 11.86
C PRO A 286 -4.60 6.52 12.98
N CYS A 287 -3.33 6.16 12.88
CA CYS A 287 -2.70 5.36 13.93
C CYS A 287 -2.58 6.16 15.23
N THR A 288 -2.25 7.44 15.13
CA THR A 288 -2.12 8.26 16.33
C THR A 288 -3.46 8.46 17.02
N VAL A 289 -4.56 8.34 16.29
CA VAL A 289 -5.87 8.47 16.89
C VAL A 289 -6.32 7.14 17.47
N SER A 290 -6.00 6.04 16.80
CA SER A 290 -6.35 4.72 17.32
C SER A 290 -5.60 4.44 18.61
N MET A 291 -4.29 4.72 18.64
CA MET A 291 -3.49 4.44 19.82
C MET A 291 -4.09 5.08 21.07
N VAL A 292 -4.58 6.31 20.94
CA VAL A 292 -5.16 6.98 22.10
C VAL A 292 -6.59 6.51 22.34
N ALA A 293 -7.32 6.18 21.28
CA ALA A 293 -8.66 5.63 21.45
C ALA A 293 -8.62 4.18 21.92
N LEU A 294 -7.51 3.48 21.69
CA LEU A 294 -7.39 2.11 22.16
C LEU A 294 -7.29 2.04 23.68
N LYS A 295 -6.66 3.03 24.30
CA LYS A 295 -6.56 3.04 25.76
C LYS A 295 -7.93 2.96 26.40
N PHE A 296 -8.93 3.61 25.80
CA PHE A 296 -10.28 3.61 26.31
C PHE A 296 -11.03 2.31 26.03
N MET A 297 -10.41 1.36 25.34
CA MET A 297 -11.06 0.12 24.98
C MET A 297 -10.63 -1.02 25.90
N PRO A 298 -11.52 -1.96 26.19
CA PRO A 298 -11.14 -3.11 27.02
C PRO A 298 -10.44 -4.18 26.22
N GLU A 299 -9.77 -5.07 26.94
CA GLU A 299 -9.11 -6.19 26.31
C GLU A 299 -10.11 -7.31 26.02
N SER A 300 -9.76 -8.14 25.06
CA SER A 300 -10.67 -9.18 24.59
C SER A 300 -11.01 -10.13 25.74
N PRO A 301 -12.29 -10.30 26.09
CA PRO A 301 -12.62 -11.19 27.21
C PRO A 301 -12.09 -12.61 27.03
N ARG A 302 -12.35 -13.24 25.89
CA ARG A 302 -11.91 -14.62 25.68
C ARG A 302 -10.45 -14.79 26.05
N PHE A 303 -9.61 -13.81 25.70
CA PHE A 303 -8.22 -13.87 26.11
C PHE A 303 -8.09 -13.85 27.63
N LEU A 304 -8.85 -12.97 28.29
CA LEU A 304 -8.88 -12.95 29.74
C LEU A 304 -9.66 -14.13 30.32
N LEU A 305 -10.39 -14.86 29.48
CA LEU A 305 -11.16 -16.01 29.93
C LEU A 305 -10.45 -17.33 29.71
N GLU A 306 -9.47 -17.38 28.81
CA GLU A 306 -8.65 -18.56 28.62
C GLU A 306 -7.44 -18.58 29.54
N MET A 307 -6.88 -17.42 29.87
CA MET A 307 -5.74 -17.37 30.77
C MET A 307 -6.08 -18.02 32.11
N GLY A 308 -7.30 -17.85 32.59
CA GLY A 308 -7.74 -18.50 33.81
C GLY A 308 -8.32 -17.58 34.85
N LYS A 309 -8.75 -16.38 34.45
CA LYS A 309 -9.34 -15.41 35.35
C LYS A 309 -10.72 -15.00 34.85
N HIS A 310 -11.61 -14.69 35.80
CA HIS A 310 -12.98 -14.28 35.51
C HIS A 310 -13.25 -12.83 35.88
N ASP A 311 -12.78 -12.40 37.06
CA ASP A 311 -13.11 -11.05 37.53
C ASP A 311 -12.68 -9.98 36.53
N GLU A 312 -11.60 -10.23 35.79
CA GLU A 312 -11.14 -9.29 34.77
C GLU A 312 -11.95 -9.38 33.49
N ALA A 313 -12.78 -10.40 33.33
CA ALA A 313 -13.61 -10.58 32.15
C ALA A 313 -15.08 -10.32 32.43
N TRP A 314 -15.62 -10.87 33.51
CA TRP A 314 -17.03 -10.65 33.84
C TRP A 314 -17.35 -9.17 33.97
N MET A 315 -16.36 -8.34 34.26
CA MET A 315 -16.59 -6.90 34.31
C MET A 315 -16.71 -6.32 32.91
N ILE A 316 -15.88 -6.81 31.97
CA ILE A 316 -15.98 -6.35 30.59
C ILE A 316 -17.34 -6.73 30.02
N LEU A 317 -17.76 -7.97 30.25
CA LEU A 317 -19.06 -8.42 29.74
C LEU A 317 -20.19 -7.57 30.34
N LYS A 318 -20.14 -7.33 31.65
CA LYS A 318 -21.10 -6.41 32.26
C LYS A 318 -20.96 -5.02 31.66
N GLN A 319 -19.72 -4.58 31.42
CA GLN A 319 -19.49 -3.28 30.81
C GLN A 319 -20.16 -3.20 29.45
N VAL A 320 -20.00 -4.23 28.62
CA VAL A 320 -20.57 -4.21 27.28
C VAL A 320 -22.09 -4.27 27.33
N HIS A 321 -22.64 -5.09 28.23
CA HIS A 321 -24.09 -5.15 28.36
C HIS A 321 -24.65 -3.78 28.73
N ASP A 322 -24.04 -3.12 29.72
CA ASP A 322 -24.50 -1.80 30.12
C ASP A 322 -24.34 -0.80 28.97
N THR A 323 -23.22 -0.87 28.25
CA THR A 323 -22.97 0.07 27.16
C THR A 323 -24.01 -0.08 26.06
N ASN A 324 -24.40 -1.31 25.74
CA ASN A 324 -25.36 -1.54 24.68
C ASN A 324 -26.80 -1.38 25.14
N MET A 325 -27.06 -1.44 26.44
CA MET A 325 -28.42 -1.24 26.95
C MET A 325 -28.73 0.21 27.25
N ARG A 326 -27.73 1.00 27.67
CA ARG A 326 -27.98 2.41 27.93
C ARG A 326 -28.51 3.12 26.70
N ALA A 327 -27.89 2.86 25.53
CA ALA A 327 -28.37 3.47 24.30
C ALA A 327 -29.72 2.90 23.90
N LYS A 328 -29.91 1.60 24.07
CA LYS A 328 -31.16 0.95 23.70
C LYS A 328 -32.26 1.30 24.71
N GLY A 329 -33.45 0.76 24.48
CA GLY A 329 -34.59 1.07 25.31
C GLY A 329 -34.80 0.11 26.47
N THR A 330 -33.71 -0.44 27.01
CA THR A 330 -33.80 -1.32 28.17
C THR A 330 -32.58 -1.16 29.07
N PRO A 331 -32.34 0.02 29.64
CA PRO A 331 -31.19 0.18 30.54
C PRO A 331 -31.36 -0.51 31.87
N GLU A 332 -32.52 -1.10 32.15
CA GLU A 332 -32.80 -1.71 33.45
C GLU A 332 -32.49 -3.20 33.48
N LYS A 333 -32.00 -3.77 32.38
CA LYS A 333 -31.67 -5.20 32.34
C LYS A 333 -30.27 -5.41 32.90
N VAL A 334 -30.16 -6.24 33.93
CA VAL A 334 -28.90 -6.50 34.60
C VAL A 334 -28.27 -7.77 34.05
N PHE A 335 -26.94 -7.80 34.02
CA PHE A 335 -26.23 -8.97 33.55
C PHE A 335 -26.61 -10.19 34.38
N THR A 336 -27.21 -11.19 33.73
CA THR A 336 -27.75 -12.33 34.46
C THR A 336 -26.67 -13.34 34.81
N VAL A 337 -25.77 -13.65 33.86
CA VAL A 337 -24.73 -14.62 34.12
C VAL A 337 -23.83 -14.13 35.25
N SER A 338 -23.43 -15.06 36.12
CA SER A 338 -22.65 -14.73 37.29
C SER A 338 -21.36 -15.54 37.36
N ASN A 339 -21.40 -16.76 36.86
CA ASN A 339 -20.26 -17.67 36.91
C ASN A 339 -19.98 -18.21 35.51
N ILE A 340 -18.79 -18.80 35.36
CA ILE A 340 -18.36 -19.35 34.08
C ILE A 340 -17.21 -20.30 34.34
N LYS A 341 -16.97 -21.22 33.41
CA LYS A 341 -15.95 -22.25 33.55
C LYS A 341 -14.70 -21.89 32.74
N THR A 342 -13.54 -22.21 33.30
CA THR A 342 -12.26 -21.96 32.66
C THR A 342 -11.32 -23.10 33.02
N PRO A 343 -10.21 -23.26 32.27
CA PRO A 343 -9.26 -24.34 32.56
C PRO A 343 -8.69 -24.26 33.98
N PHE A 367 13.81 -13.82 31.98
CA PHE A 367 13.30 -13.48 30.66
C PHE A 367 13.90 -14.39 29.59
N LYS A 368 13.64 -14.06 28.32
CA LYS A 368 14.03 -14.89 27.18
C LYS A 368 13.22 -16.18 27.12
N THR A 369 11.97 -16.12 27.61
CA THR A 369 11.06 -17.26 27.59
C THR A 369 9.76 -16.97 26.88
N ILE A 370 9.32 -15.71 26.85
CA ILE A 370 8.08 -15.37 26.18
C ILE A 370 8.15 -15.72 24.70
N PHE A 371 9.33 -15.59 24.09
CA PHE A 371 9.47 -15.90 22.68
C PHE A 371 9.52 -17.41 22.44
N LYS A 372 10.03 -18.17 23.39
CA LYS A 372 9.99 -19.63 23.27
C LYS A 372 8.55 -20.13 23.22
N GLN A 373 7.68 -19.55 24.04
CA GLN A 373 6.27 -19.92 24.02
C GLN A 373 5.62 -19.51 22.70
N VAL A 374 5.96 -18.32 22.19
CA VAL A 374 5.41 -17.88 20.91
C VAL A 374 5.85 -18.83 19.79
N TRP A 375 7.09 -19.30 19.84
CA TRP A 375 7.56 -20.24 18.84
C TRP A 375 6.85 -21.58 18.96
N ASP A 376 6.77 -22.13 20.17
CA ASP A 376 6.04 -23.37 20.37
C ASP A 376 4.58 -23.26 19.97
N ASN A 377 4.02 -22.05 20.01
CA ASN A 377 2.65 -21.83 19.60
C ASN A 377 2.52 -21.80 18.08
N ALA A 378 3.31 -20.94 17.43
CA ALA A 378 3.28 -20.84 15.98
C ALA A 378 3.66 -22.17 15.32
N LEU A 379 4.46 -22.98 16.01
CA LEU A 379 4.85 -24.28 15.46
C LEU A 379 3.69 -25.26 15.52
N TYR A 380 2.82 -25.13 16.51
CA TYR A 380 1.61 -25.94 16.58
C TYR A 380 0.60 -25.56 15.51
N CYS A 381 0.79 -24.42 14.86
CA CYS A 381 -0.09 -23.98 13.79
C CYS A 381 0.30 -24.53 12.43
N VAL A 382 1.57 -24.89 12.24
CA VAL A 382 2.05 -25.38 10.94
C VAL A 382 2.30 -26.88 10.94
N MET A 383 2.33 -27.52 12.11
CA MET A 383 2.49 -28.97 12.20
C MET A 383 1.55 -29.52 13.25
N GLY A 384 1.15 -30.77 13.06
CA GLY A 384 0.14 -31.38 13.89
C GLY A 384 -1.25 -30.92 13.49
N PRO A 385 -2.10 -30.59 14.46
CA PRO A 385 -3.40 -30.03 14.12
C PRO A 385 -3.26 -28.63 13.55
N TYR A 386 -4.18 -28.29 12.65
CA TYR A 386 -4.17 -27.03 11.91
C TYR A 386 -3.03 -26.96 10.91
N ARG A 387 -2.52 -28.10 10.47
CA ARG A 387 -1.51 -28.14 9.41
C ARG A 387 -2.14 -28.14 8.04
N MET A 388 -3.30 -28.78 7.89
CA MET A 388 -3.98 -28.81 6.59
C MET A 388 -4.76 -27.53 6.34
N ASN A 389 -5.41 -27.00 7.37
CA ASN A 389 -6.15 -25.75 7.22
C ASN A 389 -5.21 -24.56 7.04
N THR A 390 -3.96 -24.68 7.48
CA THR A 390 -3.01 -23.59 7.36
C THR A 390 -2.18 -23.68 6.09
N LEU A 391 -1.79 -24.90 5.70
CA LEU A 391 -1.04 -25.07 4.46
C LEU A 391 -1.85 -24.67 3.24
N ILE A 392 -3.17 -24.53 3.38
CA ILE A 392 -4.03 -24.10 2.29
C ILE A 392 -4.37 -22.63 2.40
N LEU A 393 -4.60 -22.15 3.62
CA LEU A 393 -4.84 -20.72 3.82
C LEU A 393 -3.60 -19.92 3.41
N ALA A 394 -2.41 -20.46 3.68
CA ALA A 394 -1.19 -19.79 3.26
C ALA A 394 -1.12 -19.67 1.75
N VAL A 395 -1.43 -20.76 1.05
CA VAL A 395 -1.47 -20.73 -0.42
C VAL A 395 -2.43 -19.66 -0.91
N VAL A 396 -3.67 -19.69 -0.40
CA VAL A 396 -4.69 -18.76 -0.87
C VAL A 396 -4.27 -17.33 -0.59
N TRP A 397 -3.71 -17.09 0.60
CA TRP A 397 -3.29 -15.74 0.97
C TRP A 397 -2.16 -15.25 0.08
N PHE A 398 -1.13 -16.07 -0.10
CA PHE A 398 -0.04 -15.70 -1.00
C PHE A 398 -0.58 -15.37 -2.38
N ALA A 399 -1.45 -16.21 -2.91
CA ALA A 399 -2.02 -15.97 -4.23
C ALA A 399 -2.73 -14.62 -4.28
N MET A 400 -3.70 -14.43 -3.39
CA MET A 400 -4.47 -13.19 -3.36
C MET A 400 -3.55 -11.98 -3.32
N ALA A 401 -2.61 -11.98 -2.37
CA ALA A 401 -1.80 -10.79 -2.14
C ALA A 401 -0.85 -10.54 -3.31
N PHE A 402 -0.13 -11.57 -3.73
CA PHE A 402 0.74 -11.44 -4.90
C PHE A 402 -0.02 -10.84 -6.07
N SER A 403 -1.16 -11.45 -6.42
CA SER A 403 -1.93 -10.97 -7.56
C SER A 403 -2.35 -9.51 -7.38
N TYR A 404 -2.95 -9.19 -6.23
CA TYR A 404 -3.48 -7.84 -6.04
C TYR A 404 -2.38 -6.80 -6.11
N TYR A 405 -1.30 -6.99 -5.34
CA TYR A 405 -0.25 -6.00 -5.31
C TYR A 405 0.42 -5.86 -6.68
N GLY A 406 0.73 -6.99 -7.31
CA GLY A 406 1.32 -6.92 -8.64
C GLY A 406 0.45 -6.18 -9.63
N LEU A 407 -0.85 -6.43 -9.62
CA LEU A 407 -1.73 -5.82 -10.61
C LEU A 407 -2.03 -4.36 -10.31
N THR A 408 -2.07 -3.98 -9.03
CA THR A 408 -2.31 -2.58 -8.70
C THR A 408 -1.05 -1.74 -8.85
N VAL A 409 0.12 -2.37 -8.87
CA VAL A 409 1.34 -1.66 -9.25
C VAL A 409 1.58 -1.69 -10.75
N TRP A 410 0.99 -2.65 -11.46
CA TRP A 410 1.15 -2.77 -12.90
C TRP A 410 0.21 -1.86 -13.68
N PHE A 411 -0.90 -1.44 -13.07
CA PHE A 411 -1.83 -0.57 -13.80
C PHE A 411 -1.26 0.82 -13.99
N PRO A 412 -0.99 1.61 -12.95
CA PRO A 412 -0.52 2.98 -13.18
C PRO A 412 0.79 3.04 -13.95
N ASP A 413 1.72 2.13 -13.67
CA ASP A 413 2.94 2.07 -14.44
C ASP A 413 2.63 1.87 -15.92
N MET A 414 1.60 1.08 -16.23
CA MET A 414 1.20 0.90 -17.62
C MET A 414 0.56 2.16 -18.19
N ILE A 415 -0.16 2.92 -17.35
CA ILE A 415 -0.68 4.20 -17.80
C ILE A 415 0.46 5.10 -18.23
N ARG A 416 1.51 5.17 -17.40
CA ARG A 416 2.65 6.02 -17.73
C ARG A 416 3.39 5.50 -18.95
N TYR A 417 3.51 4.17 -19.09
CA TYR A 417 4.16 3.61 -20.26
C TYR A 417 3.40 3.98 -21.54
N PHE A 418 2.08 3.87 -21.52
CA PHE A 418 1.28 4.24 -22.69
C PHE A 418 1.40 5.74 -22.97
N GLN A 419 1.41 6.56 -21.92
CA GLN A 419 1.58 8.00 -22.12
C GLN A 419 2.91 8.29 -22.79
N ASP A 420 3.98 7.65 -22.31
CA ASP A 420 5.30 7.82 -22.92
C ASP A 420 5.27 7.40 -24.39
N GLU A 421 4.72 6.22 -24.67
CA GLU A 421 4.71 5.73 -26.04
C GLU A 421 3.94 6.65 -26.96
N GLU A 422 2.84 7.23 -26.46
CA GLU A 422 2.13 8.25 -27.24
C GLU A 422 2.98 9.51 -27.39
N TYR A 423 3.85 9.78 -26.42
CA TYR A 423 4.77 10.90 -26.52
C TYR A 423 6.00 10.56 -27.35
N LYS A 424 6.33 9.28 -27.46
CA LYS A 424 7.55 8.89 -28.16
C LYS A 424 7.37 8.99 -29.67
N SER A 425 6.24 8.52 -30.19
CA SER A 425 5.99 8.58 -31.63
C SER A 425 6.16 10.00 -32.16
N LYS A 426 5.96 11.00 -31.32
CA LYS A 426 6.06 12.39 -31.75
C LYS A 426 7.51 12.84 -31.96
N MET A 427 8.48 11.99 -31.65
CA MET A 427 9.88 12.36 -31.84
C MET A 427 10.13 12.73 -33.30
N LYS A 428 10.42 14.00 -33.55
CA LYS A 428 10.58 14.53 -34.91
C LYS A 428 12.08 14.65 -35.18
N VAL A 429 12.64 13.61 -35.81
CA VAL A 429 14.06 13.55 -36.10
C VAL A 429 14.42 14.67 -37.09
N PHE A 430 15.20 15.63 -36.62
CA PHE A 430 15.64 16.74 -37.46
C PHE A 430 17.05 16.48 -38.00
N PHE A 431 17.12 15.49 -38.89
CA PHE A 431 18.37 15.25 -39.62
C PHE A 431 18.74 16.42 -40.49
N GLY A 432 17.82 17.35 -40.74
CA GLY A 432 18.11 18.54 -41.51
C GLY A 432 19.19 19.39 -40.86
N GLU A 433 19.53 20.50 -41.51
CA GLU A 433 20.60 21.37 -41.02
C GLU A 433 20.38 22.76 -41.58
N HIS A 434 21.39 23.62 -41.46
CA HIS A 434 21.37 24.96 -42.04
C HIS A 434 20.26 25.80 -41.42
N VAL A 435 20.35 26.00 -40.10
CA VAL A 435 19.47 26.90 -39.38
C VAL A 435 20.21 28.21 -39.19
N TYR A 436 19.72 29.28 -39.83
CA TYR A 436 20.39 30.56 -39.87
C TYR A 436 19.53 31.63 -39.20
N GLY A 437 20.16 32.43 -38.34
CA GLY A 437 19.50 33.58 -37.74
C GLY A 437 18.14 33.27 -37.17
N ALA A 438 18.10 32.50 -36.07
CA ALA A 438 16.85 32.08 -35.45
C ALA A 438 16.82 32.58 -34.01
N THR A 439 15.91 33.51 -33.73
CA THR A 439 15.66 33.95 -32.35
C THR A 439 14.58 33.05 -31.73
N ILE A 440 14.99 31.82 -31.44
CA ILE A 440 14.08 30.78 -31.02
C ILE A 440 13.77 30.94 -29.53
N ASN A 441 12.48 30.96 -29.19
CA ASN A 441 12.06 31.08 -27.81
C ASN A 441 10.88 30.18 -27.47
N PHE A 442 10.42 29.35 -28.40
CA PHE A 442 9.31 28.45 -28.16
C PHE A 442 9.83 27.06 -27.81
N THR A 443 9.20 26.43 -26.83
CA THR A 443 9.67 25.15 -26.32
C THR A 443 10.04 24.21 -27.45
N MET A 444 11.10 23.43 -27.22
CA MET A 444 11.66 22.51 -28.21
C MET A 444 11.57 21.11 -27.62
N GLU A 445 10.49 20.40 -27.95
CA GLU A 445 10.20 19.09 -27.39
C GLU A 445 10.36 18.00 -28.44
N ASN A 446 10.81 16.83 -28.00
CA ASN A 446 10.86 15.63 -28.82
C ASN A 446 11.56 15.89 -30.15
N GLN A 447 12.84 16.20 -30.04
CA GLN A 447 13.68 16.47 -31.21
C GLN A 447 15.03 15.81 -31.02
N ILE A 448 15.56 15.26 -32.12
CA ILE A 448 16.90 14.68 -32.12
C ILE A 448 17.59 15.10 -33.40
N HIS A 449 18.45 16.12 -33.31
CA HIS A 449 19.13 16.68 -34.48
C HIS A 449 20.47 15.98 -34.61
N GLN A 450 20.47 14.86 -35.35
CA GLN A 450 21.70 14.09 -35.52
C GLN A 450 22.78 14.92 -36.21
N HIS A 451 22.50 15.37 -37.43
CA HIS A 451 23.45 16.13 -38.25
C HIS A 451 22.83 17.50 -38.54
N GLY A 452 23.10 18.45 -37.66
CA GLY A 452 22.60 19.81 -37.81
C GLY A 452 23.74 20.81 -37.88
N LYS A 453 23.55 21.86 -38.68
CA LYS A 453 24.52 22.94 -38.83
C LYS A 453 23.90 24.20 -38.25
N LEU A 454 24.22 24.50 -37.00
CA LEU A 454 23.67 25.65 -36.29
C LEU A 454 24.63 26.82 -36.43
N VAL A 455 24.16 27.90 -37.03
CA VAL A 455 24.97 29.09 -37.29
C VAL A 455 24.18 30.32 -36.86
N ASN A 456 24.81 31.17 -36.04
CA ASN A 456 24.21 32.42 -35.57
C ASN A 456 22.77 32.19 -35.10
N ASP A 457 22.64 31.36 -34.07
CA ASP A 457 21.35 30.97 -33.53
C ASP A 457 21.23 31.47 -32.09
N LYS A 458 19.98 31.66 -31.65
CA LYS A 458 19.71 32.24 -30.34
C LYS A 458 18.50 31.52 -29.74
N PHE A 459 18.77 30.58 -28.84
CA PHE A 459 17.72 29.93 -28.05
C PHE A 459 17.54 30.75 -26.78
N THR A 460 16.59 31.68 -26.79
CA THR A 460 16.37 32.60 -25.70
C THR A 460 15.01 32.31 -25.05
N ARG A 461 15.00 32.21 -23.73
CA ARG A 461 13.80 31.85 -22.98
C ARG A 461 13.23 30.55 -23.50
N MET A 462 14.08 29.53 -23.53
CA MET A 462 13.78 28.23 -24.12
C MET A 462 13.71 27.17 -23.03
N TYR A 463 12.96 26.12 -23.32
CA TYR A 463 12.80 24.97 -22.41
C TYR A 463 13.09 23.70 -23.19
N PHE A 464 14.27 23.12 -22.96
CA PHE A 464 14.70 21.92 -23.65
C PHE A 464 14.13 20.69 -22.95
N LYS A 465 13.26 19.96 -23.62
CA LYS A 465 12.78 18.67 -23.15
C LYS A 465 12.92 17.66 -24.28
N HIS A 466 13.65 16.58 -24.03
CA HIS A 466 13.86 15.54 -25.03
C HIS A 466 14.47 16.12 -26.31
N VAL A 467 15.69 16.64 -26.15
CA VAL A 467 16.42 17.29 -27.22
C VAL A 467 17.81 16.68 -27.24
N LEU A 468 18.14 15.96 -28.30
CA LEU A 468 19.43 15.29 -28.43
C LEU A 468 20.14 15.79 -29.67
N PHE A 469 21.48 15.84 -29.58
CA PHE A 469 22.32 16.21 -30.71
C PHE A 469 23.48 15.22 -30.78
N GLU A 470 23.55 14.46 -31.86
CA GLU A 470 24.53 13.38 -31.97
C GLU A 470 25.80 13.81 -32.70
N ASP A 471 25.67 14.63 -33.75
CA ASP A 471 26.84 15.12 -34.48
C ASP A 471 26.47 16.50 -35.04
N THR A 472 26.85 17.54 -34.28
CA THR A 472 26.52 18.91 -34.64
C THR A 472 27.79 19.75 -34.63
N PHE A 473 27.93 20.58 -35.66
CA PHE A 473 29.04 21.54 -35.75
C PHE A 473 28.50 22.89 -35.31
N PHE A 474 28.50 23.10 -34.00
CA PHE A 474 27.94 24.31 -33.39
C PHE A 474 28.90 25.47 -33.66
N ASP A 475 28.84 25.98 -34.89
CA ASP A 475 29.71 27.08 -35.29
C ASP A 475 29.49 28.30 -34.41
N GLU A 476 28.24 28.71 -34.24
CA GLU A 476 27.94 29.88 -33.42
C GLU A 476 26.47 29.82 -32.99
N CYS A 477 26.23 30.06 -31.70
CA CYS A 477 24.88 30.14 -31.17
C CYS A 477 24.90 30.66 -29.74
N TYR A 478 23.94 31.53 -29.40
CA TYR A 478 23.83 32.11 -28.08
C TYR A 478 22.67 31.46 -27.31
N PHE A 479 22.89 31.21 -26.03
CA PHE A 479 21.90 30.59 -25.16
C PHE A 479 21.56 31.53 -24.02
N GLU A 480 20.26 31.64 -23.72
CA GLU A 480 19.80 32.52 -22.66
C GLU A 480 18.54 31.91 -22.04
N ASP A 481 18.47 31.96 -20.71
CA ASP A 481 17.37 31.38 -19.95
C ASP A 481 16.95 30.04 -20.55
N VAL A 482 17.94 29.19 -20.78
CA VAL A 482 17.75 27.88 -21.39
C VAL A 482 17.63 26.84 -20.29
N THR A 483 16.46 26.23 -20.19
CA THR A 483 16.20 25.18 -19.20
C THR A 483 16.20 23.82 -19.89
N SER A 484 16.54 22.79 -19.13
CA SER A 484 16.72 21.45 -19.68
C SER A 484 16.19 20.41 -18.71
N THR A 485 15.54 19.38 -19.25
CA THR A 485 15.07 18.25 -18.46
C THR A 485 15.76 16.95 -18.85
N ASP A 486 15.70 16.56 -20.12
CA ASP A 486 16.34 15.36 -20.63
C ASP A 486 17.17 15.69 -21.87
N THR A 487 17.85 16.83 -21.84
CA THR A 487 18.69 17.24 -22.95
C THR A 487 20.04 16.51 -22.88
N TYR A 488 20.64 16.32 -24.05
CA TYR A 488 21.91 15.63 -24.14
C TYR A 488 22.61 16.04 -25.43
N PHE A 489 23.89 16.35 -25.35
CA PHE A 489 24.72 16.67 -26.51
C PHE A 489 25.80 15.60 -26.61
N LYS A 490 25.57 14.60 -27.46
CA LYS A 490 26.50 13.50 -27.64
C LYS A 490 27.33 13.72 -28.90
N ASN A 491 28.64 13.49 -28.79
CA ASN A 491 29.57 13.70 -29.89
C ASN A 491 29.25 14.99 -30.64
N CYS A 492 29.20 16.08 -29.89
CA CYS A 492 28.92 17.39 -30.47
C CYS A 492 30.23 18.06 -30.88
N THR A 493 30.11 19.28 -31.41
CA THR A 493 31.29 20.08 -31.76
C THR A 493 30.93 21.53 -31.50
N ILE A 494 31.29 22.02 -30.33
CA ILE A 494 30.94 23.36 -29.86
C ILE A 494 32.10 24.28 -30.17
N GLU A 495 31.90 25.19 -31.13
CA GLU A 495 32.94 26.10 -31.56
C GLU A 495 32.89 27.43 -30.82
N SER A 496 31.75 28.11 -30.85
CA SER A 496 31.63 29.40 -30.15
C SER A 496 30.18 29.54 -29.69
N THR A 497 29.95 29.21 -28.42
CA THR A 497 28.63 29.33 -27.81
C THR A 497 28.77 29.91 -26.41
N ILE A 498 27.93 30.90 -26.12
CA ILE A 498 27.98 31.62 -24.86
C ILE A 498 26.71 31.26 -24.08
N PHE A 499 26.84 30.30 -23.16
CA PHE A 499 25.73 29.87 -22.33
C PHE A 499 25.59 30.81 -21.14
N TYR A 500 24.45 31.48 -21.04
CA TYR A 500 24.21 32.50 -20.02
C TYR A 500 22.89 32.21 -19.31
N ASN A 501 22.94 32.09 -17.99
CA ASN A 501 21.75 31.94 -17.16
C ASN A 501 20.94 30.71 -17.58
N THR A 502 21.62 29.71 -18.13
CA THR A 502 20.96 28.48 -18.53
C THR A 502 21.04 27.46 -17.39
N ASP A 503 20.63 26.22 -17.66
CA ASP A 503 20.70 25.19 -16.65
C ASP A 503 22.15 24.83 -16.36
N LEU A 504 22.38 24.11 -15.25
CA LEU A 504 23.71 23.64 -14.88
C LEU A 504 23.82 22.21 -15.39
N TYR A 505 24.33 22.08 -16.61
CA TYR A 505 24.35 20.79 -17.31
C TYR A 505 25.70 20.57 -17.98
N GLU A 506 26.78 20.78 -17.22
CA GLU A 506 28.10 20.43 -17.71
C GLU A 506 28.28 18.93 -17.93
N HIS A 507 27.31 18.11 -17.51
CA HIS A 507 27.38 16.66 -17.69
C HIS A 507 26.63 16.16 -18.91
N LYS A 508 25.64 16.91 -19.40
CA LYS A 508 24.90 16.49 -20.58
C LYS A 508 25.78 16.47 -21.82
N PHE A 509 26.90 17.19 -21.82
CA PHE A 509 27.84 17.18 -22.93
C PHE A 509 28.57 15.84 -22.94
N ILE A 510 28.09 14.91 -23.75
CA ILE A 510 28.64 13.56 -23.82
C ILE A 510 29.71 13.57 -24.91
N ASN A 511 30.98 13.59 -24.49
CA ASN A 511 32.12 13.41 -25.38
C ASN A 511 32.17 14.47 -26.48
N CYS A 512 32.35 15.72 -26.05
CA CYS A 512 32.68 16.80 -26.98
C CYS A 512 33.08 18.02 -26.18
N ARG A 513 34.00 18.80 -26.75
CA ARG A 513 34.69 19.88 -26.05
C ARG A 513 34.24 21.24 -26.58
N PHE A 514 34.87 22.29 -26.07
CA PHE A 514 34.56 23.67 -26.43
C PHE A 514 35.80 24.36 -26.99
N ILE A 515 35.56 25.48 -27.66
CA ILE A 515 36.65 26.30 -28.18
C ILE A 515 36.51 27.73 -27.66
N ASN A 516 35.34 28.32 -27.86
CA ASN A 516 35.07 29.72 -27.53
C ASN A 516 33.91 29.85 -26.56
N SER A 517 33.85 28.96 -25.57
CA SER A 517 32.72 28.89 -24.66
C SER A 517 33.06 29.50 -23.30
N THR A 518 32.04 30.06 -22.65
CA THR A 518 32.18 30.66 -21.34
C THR A 518 30.83 30.57 -20.63
N PHE A 519 30.76 29.79 -19.56
CA PHE A 519 29.51 29.49 -18.88
C PHE A 519 29.35 30.41 -17.67
N LEU A 520 28.16 30.97 -17.50
CA LEU A 520 27.84 31.88 -16.41
C LEU A 520 26.48 31.56 -15.81
N GLU A 521 26.23 30.27 -15.53
CA GLU A 521 24.93 29.82 -15.06
C GLU A 521 25.12 28.77 -13.98
N GLN A 522 24.06 28.59 -13.17
CA GLN A 522 24.07 27.62 -12.09
C GLN A 522 22.71 27.63 -11.40
N LYS A 523 22.42 26.55 -10.68
CA LYS A 523 21.31 26.47 -9.73
C LYS A 523 19.97 26.75 -10.40
N GLU A 524 19.59 25.83 -11.30
CA GLU A 524 18.30 25.88 -11.97
C GLU A 524 17.62 24.52 -11.88
N GLY A 525 16.29 24.56 -11.79
CA GLY A 525 15.48 23.35 -11.75
C GLY A 525 14.84 23.07 -13.10
N CYS A 526 14.58 21.80 -13.37
CA CYS A 526 14.14 21.41 -14.70
C CYS A 526 12.80 22.03 -15.06
N HIS A 527 11.71 21.55 -14.47
CA HIS A 527 10.44 22.25 -14.55
C HIS A 527 9.75 22.31 -13.20
N MET A 528 9.81 21.21 -12.45
CA MET A 528 9.03 21.03 -11.23
C MET A 528 7.55 21.28 -11.48
N ASP A 529 7.08 20.98 -12.69
CA ASP A 529 5.68 21.18 -13.04
C ASP A 529 5.42 20.59 -14.41
N LEU A 530 4.15 20.21 -14.64
CA LEU A 530 3.67 19.62 -15.90
C LEU A 530 4.59 18.50 -16.40
N GLU A 531 5.37 17.92 -15.51
CA GLU A 531 6.12 16.70 -15.78
C GLU A 531 5.93 15.67 -14.69
N GLN A 532 5.81 16.12 -13.43
CA GLN A 532 5.46 15.25 -12.33
C GLN A 532 3.97 14.98 -12.23
N ASP A 533 3.18 15.56 -13.14
CA ASP A 533 1.79 15.15 -13.28
C ASP A 533 1.65 13.66 -13.52
N ASN A 534 2.74 12.97 -13.87
CA ASN A 534 2.69 11.51 -13.93
C ASN A 534 2.53 10.90 -12.55
N ASP A 535 3.19 11.47 -11.55
CA ASP A 535 2.99 11.00 -10.18
C ASP A 535 1.60 11.36 -9.68
N PHE A 536 1.14 12.58 -10.00
CA PHE A 536 -0.25 12.92 -9.74
C PHE A 536 -1.17 11.88 -10.37
N LEU A 537 -0.83 11.41 -11.56
CA LEU A 537 -1.69 10.47 -12.27
C LEU A 537 -1.69 9.11 -11.59
N ILE A 538 -0.54 8.63 -11.15
CA ILE A 538 -0.52 7.33 -10.50
C ILE A 538 -1.22 7.41 -9.14
N TYR A 539 -1.08 8.55 -8.45
CA TYR A 539 -1.81 8.73 -7.20
C TYR A 539 -3.31 8.74 -7.44
N LEU A 540 -3.76 9.43 -8.49
CA LEU A 540 -5.18 9.47 -8.83
C LEU A 540 -5.68 8.09 -9.23
N VAL A 541 -4.83 7.31 -9.91
CA VAL A 541 -5.22 5.96 -10.29
C VAL A 541 -5.40 5.09 -9.06
N SER A 542 -4.45 5.18 -8.12
CA SER A 542 -4.61 4.45 -6.86
C SER A 542 -5.87 4.88 -6.12
N PHE A 543 -6.13 6.19 -6.07
CA PHE A 543 -7.35 6.69 -5.45
C PHE A 543 -8.58 6.04 -6.06
N LEU A 544 -8.73 6.18 -7.38
CA LEU A 544 -9.89 5.61 -8.07
C LEU A 544 -9.94 4.10 -7.96
N GLY A 545 -8.80 3.44 -7.68
CA GLY A 545 -8.81 2.01 -7.50
C GLY A 545 -9.29 1.59 -6.13
N SER A 546 -8.95 2.36 -5.10
CA SER A 546 -9.50 2.10 -3.78
C SER A 546 -10.94 2.56 -3.69
N LEU A 547 -11.26 3.73 -4.27
CA LEU A 547 -12.63 4.22 -4.26
C LEU A 547 -13.61 3.24 -4.90
N SER A 548 -13.11 2.28 -5.68
CA SER A 548 -13.95 1.28 -6.31
C SER A 548 -14.18 0.06 -5.42
N VAL A 549 -13.46 -0.05 -4.31
CA VAL A 549 -13.69 -1.13 -3.34
C VAL A 549 -14.95 -0.92 -2.52
N LEU A 550 -15.56 0.27 -2.60
CA LEU A 550 -16.79 0.51 -1.83
C LEU A 550 -17.89 -0.47 -2.19
N PRO A 551 -18.34 -0.58 -3.44
CA PRO A 551 -19.39 -1.57 -3.75
C PRO A 551 -18.96 -2.99 -3.44
N GLY A 552 -17.71 -3.36 -3.75
CA GLY A 552 -17.26 -4.69 -3.44
C GLY A 552 -17.42 -5.05 -1.97
N ASN A 553 -16.86 -4.21 -1.10
CA ASN A 553 -16.94 -4.48 0.33
C ASN A 553 -18.38 -4.38 0.85
N ILE A 554 -19.17 -3.48 0.29
CA ILE A 554 -20.57 -3.36 0.71
C ILE A 554 -21.30 -4.66 0.43
N ILE A 555 -21.25 -5.12 -0.81
CA ILE A 555 -21.96 -6.35 -1.16
C ILE A 555 -21.38 -7.54 -0.43
N SER A 556 -20.07 -7.53 -0.18
CA SER A 556 -19.46 -8.61 0.60
C SER A 556 -20.06 -8.67 2.00
N ALA A 557 -19.98 -7.57 2.74
CA ALA A 557 -20.52 -7.54 4.09
C ALA A 557 -22.02 -7.81 4.12
N LEU A 558 -22.74 -7.43 3.06
CA LEU A 558 -24.18 -7.65 3.05
C LEU A 558 -24.56 -9.08 2.65
N LEU A 559 -23.65 -9.80 2.00
CA LEU A 559 -23.94 -11.16 1.56
C LEU A 559 -23.08 -12.23 2.22
N MET A 560 -22.04 -11.85 2.96
CA MET A 560 -21.16 -12.86 3.54
C MET A 560 -21.89 -13.76 4.53
N ASP A 561 -23.01 -13.31 5.09
CA ASP A 561 -23.82 -14.12 5.99
C ASP A 561 -25.08 -14.66 5.32
N ARG A 562 -25.68 -13.90 4.40
CA ARG A 562 -26.82 -14.43 3.65
C ARG A 562 -26.45 -15.69 2.91
N ILE A 563 -25.18 -15.85 2.53
CA ILE A 563 -24.68 -17.04 1.88
C ILE A 563 -23.30 -17.36 2.46
N GLY A 564 -22.74 -18.49 2.03
CA GLY A 564 -21.52 -18.98 2.62
C GLY A 564 -20.33 -18.08 2.36
N ARG A 565 -19.25 -18.37 3.07
CA ARG A 565 -17.96 -17.72 2.86
C ARG A 565 -17.05 -18.52 1.95
N LEU A 566 -17.41 -19.76 1.63
CA LEU A 566 -16.60 -20.61 0.78
C LEU A 566 -16.87 -20.42 -0.70
N LYS A 567 -18.07 -19.95 -1.06
CA LYS A 567 -18.40 -19.70 -2.45
C LYS A 567 -18.14 -18.25 -2.86
N MET A 568 -18.20 -17.32 -1.90
CA MET A 568 -17.84 -15.94 -2.21
C MET A 568 -16.40 -15.85 -2.67
N ILE A 569 -15.51 -16.59 -2.02
CA ILE A 569 -14.11 -16.62 -2.44
C ILE A 569 -14.01 -17.12 -3.87
N GLY A 570 -14.62 -18.26 -4.15
CA GLY A 570 -14.55 -18.82 -5.50
C GLY A 570 -15.08 -17.87 -6.55
N GLY A 571 -16.23 -17.24 -6.28
CA GLY A 571 -16.81 -16.33 -7.25
C GLY A 571 -15.96 -15.10 -7.48
N SER A 572 -15.48 -14.48 -6.39
CA SER A 572 -14.64 -13.29 -6.53
C SER A 572 -13.36 -13.61 -7.28
N MET A 573 -12.74 -14.74 -6.98
CA MET A 573 -11.50 -15.11 -7.65
C MET A 573 -11.75 -15.43 -9.12
N LEU A 574 -12.87 -16.10 -9.43
CA LEU A 574 -13.26 -16.33 -10.81
C LEU A 574 -13.39 -15.01 -11.57
N ILE A 575 -14.12 -14.05 -10.99
CA ILE A 575 -14.34 -12.79 -11.70
C ILE A 575 -13.04 -12.00 -11.81
N SER A 576 -12.15 -12.12 -10.82
CA SER A 576 -10.86 -11.46 -10.93
C SER A 576 -10.03 -12.06 -12.05
N ALA A 577 -10.06 -13.39 -12.19
CA ALA A 577 -9.35 -14.03 -13.29
C ALA A 577 -9.92 -13.61 -14.63
N VAL A 578 -11.25 -13.48 -14.70
CA VAL A 578 -11.86 -13.05 -15.96
C VAL A 578 -11.45 -11.63 -16.30
N CYS A 579 -11.47 -10.73 -15.32
CA CYS A 579 -10.99 -9.37 -15.55
C CYS A 579 -9.55 -9.38 -16.02
N CYS A 580 -8.70 -10.18 -15.38
CA CYS A 580 -7.30 -10.28 -15.80
C CYS A 580 -7.20 -10.69 -17.26
N PHE A 581 -7.89 -11.76 -17.64
CA PHE A 581 -7.82 -12.21 -19.03
C PHE A 581 -8.41 -11.18 -19.98
N PHE A 582 -9.32 -10.35 -19.49
CA PHE A 582 -9.84 -9.27 -20.32
C PHE A 582 -8.85 -8.13 -20.49
N LEU A 583 -7.92 -7.98 -19.55
CA LEU A 583 -6.90 -6.94 -19.68
C LEU A 583 -6.01 -7.14 -20.89
N PHE A 584 -5.92 -8.37 -21.41
CA PHE A 584 -5.09 -8.63 -22.57
C PHE A 584 -5.60 -7.94 -23.83
N PHE A 585 -6.88 -7.53 -23.84
CA PHE A 585 -7.47 -6.86 -24.99
C PHE A 585 -7.48 -5.34 -24.86
N GLY A 586 -7.83 -4.82 -23.69
CA GLY A 586 -7.92 -3.38 -23.51
C GLY A 586 -6.58 -2.74 -23.21
N ASN A 587 -5.75 -2.59 -24.23
CA ASN A 587 -4.44 -1.96 -24.09
C ASN A 587 -4.51 -0.45 -24.29
N SER A 588 -5.41 0.20 -23.56
CA SER A 588 -5.64 1.64 -23.66
C SER A 588 -5.11 2.33 -22.41
N GLU A 589 -5.33 3.65 -22.35
CA GLU A 589 -4.85 4.47 -21.25
C GLU A 589 -5.91 4.75 -20.19
N SER A 590 -7.18 4.59 -20.53
CA SER A 590 -8.28 4.79 -19.60
C SER A 590 -9.00 3.50 -19.23
N ALA A 591 -9.16 2.59 -20.18
CA ALA A 591 -9.80 1.31 -19.89
C ALA A 591 -9.05 0.58 -18.78
N MET A 592 -7.73 0.74 -18.71
CA MET A 592 -6.97 0.14 -17.62
C MET A 592 -7.51 0.59 -16.27
N ILE A 593 -7.96 1.84 -16.16
CA ILE A 593 -8.52 2.32 -14.91
C ILE A 593 -9.82 1.61 -14.58
N GLY A 594 -10.68 1.43 -15.59
CA GLY A 594 -11.93 0.70 -15.36
C GLY A 594 -11.69 -0.73 -14.96
N TRP A 595 -10.73 -1.39 -15.60
CA TRP A 595 -10.40 -2.76 -15.23
C TRP A 595 -9.80 -2.84 -13.83
N GLN A 596 -9.03 -1.82 -13.44
CA GLN A 596 -8.55 -1.76 -12.07
C GLN A 596 -9.70 -1.66 -11.08
N CYS A 597 -10.63 -0.74 -11.35
CA CYS A 597 -11.81 -0.60 -10.49
C CYS A 597 -12.54 -1.93 -10.36
N LEU A 598 -12.76 -2.60 -11.49
CA LEU A 598 -13.48 -3.87 -11.47
C LEU A 598 -12.72 -4.92 -10.67
N PHE A 599 -11.43 -5.11 -10.99
CA PHE A 599 -10.63 -6.11 -10.29
C PHE A 599 -10.61 -5.85 -8.79
N CYS A 600 -10.55 -4.59 -8.38
CA CYS A 600 -10.49 -4.28 -6.96
C CYS A 600 -11.83 -4.55 -6.29
N GLY A 601 -12.91 -3.96 -6.81
CA GLY A 601 -14.23 -4.20 -6.27
C GLY A 601 -14.62 -5.65 -6.27
N THR A 602 -13.98 -6.46 -7.11
CA THR A 602 -14.24 -7.89 -7.13
C THR A 602 -13.36 -8.66 -6.17
N SER A 603 -12.13 -8.20 -5.94
CA SER A 603 -11.21 -8.93 -5.07
C SER A 603 -11.48 -8.67 -3.60
N ILE A 604 -11.98 -7.48 -3.25
CA ILE A 604 -12.18 -7.16 -1.83
C ILE A 604 -12.98 -8.25 -1.13
N ALA A 605 -14.03 -8.75 -1.79
CA ALA A 605 -14.87 -9.75 -1.16
C ALA A 605 -14.09 -11.00 -0.77
N ALA A 606 -13.13 -11.38 -1.62
CA ALA A 606 -12.31 -12.56 -1.33
C ALA A 606 -11.56 -12.39 -0.02
N TRP A 607 -10.95 -11.22 0.18
CA TRP A 607 -10.19 -10.98 1.40
C TRP A 607 -11.09 -10.96 2.62
N ASN A 608 -12.29 -10.40 2.49
CA ASN A 608 -13.26 -10.44 3.59
C ASN A 608 -13.58 -11.87 3.97
N ALA A 609 -13.99 -12.68 2.98
CA ALA A 609 -14.34 -14.06 3.26
C ALA A 609 -13.16 -14.81 3.87
N LEU A 610 -11.94 -14.52 3.42
CA LEU A 610 -10.79 -15.23 3.94
C LEU A 610 -10.47 -14.80 5.37
N ASP A 611 -10.63 -13.52 5.69
CA ASP A 611 -10.47 -13.09 7.07
C ASP A 611 -11.51 -13.75 7.96
N VAL A 612 -12.73 -13.91 7.46
CA VAL A 612 -13.76 -14.61 8.23
C VAL A 612 -13.34 -16.05 8.48
N ILE A 613 -13.01 -16.77 7.41
CA ILE A 613 -12.64 -18.17 7.53
C ILE A 613 -11.37 -18.34 8.36
N THR A 614 -10.55 -17.30 8.48
CA THR A 614 -9.35 -17.39 9.28
C THR A 614 -9.58 -17.02 10.74
N VAL A 615 -10.59 -16.19 11.04
CA VAL A 615 -10.97 -15.99 12.43
C VAL A 615 -11.65 -17.25 12.95
N GLU A 616 -12.45 -17.91 12.11
CA GLU A 616 -12.74 -19.31 12.37
C GLU A 616 -11.50 -20.14 12.04
N LEU A 617 -11.62 -21.46 12.20
CA LEU A 617 -10.56 -22.43 11.88
C LEU A 617 -9.38 -22.35 12.84
N TYR A 618 -9.37 -21.41 13.78
CA TYR A 618 -8.24 -21.23 14.67
C TYR A 618 -8.76 -20.92 16.07
N PRO A 619 -8.32 -21.64 17.11
CA PRO A 619 -8.77 -21.31 18.47
C PRO A 619 -8.32 -19.92 18.88
N THR A 620 -8.73 -19.48 20.07
CA THR A 620 -8.41 -18.13 20.51
C THR A 620 -6.94 -17.98 20.89
N ASN A 621 -6.18 -19.07 20.97
CA ASN A 621 -4.76 -19.00 21.31
C ASN A 621 -3.85 -19.03 20.10
N GLN A 622 -4.30 -19.58 18.97
CA GLN A 622 -3.55 -19.60 17.73
C GLN A 622 -4.31 -18.88 16.62
N ARG A 623 -5.00 -17.80 16.99
CA ARG A 623 -5.73 -16.98 16.03
C ARG A 623 -4.86 -15.84 15.52
N ALA A 624 -4.36 -15.01 16.44
CA ALA A 624 -3.47 -13.92 16.05
C ALA A 624 -2.14 -14.45 15.53
N THR A 625 -1.64 -15.54 16.10
CA THR A 625 -0.41 -16.14 15.57
C THR A 625 -0.57 -16.54 14.11
N ALA A 626 -1.62 -17.31 13.82
CA ALA A 626 -1.92 -17.67 12.44
C ALA A 626 -2.04 -16.43 11.57
N PHE A 627 -3.03 -15.59 11.86
CA PHE A 627 -3.24 -14.34 11.17
C PHE A 627 -1.94 -13.61 10.88
N GLY A 628 -1.01 -13.60 11.84
CA GLY A 628 0.26 -12.92 11.63
C GLY A 628 1.15 -13.62 10.63
N ILE A 629 1.26 -14.94 10.73
CA ILE A 629 2.04 -15.68 9.75
C ILE A 629 1.46 -15.47 8.35
N LEU A 630 0.14 -15.47 8.24
CA LEU A 630 -0.50 -15.31 6.94
C LEU A 630 -0.34 -13.88 6.41
N ASN A 631 -0.36 -12.88 7.29
CA ASN A 631 -0.08 -11.52 6.87
C ASN A 631 1.37 -11.39 6.39
N GLY A 632 2.29 -12.05 7.08
CA GLY A 632 3.66 -12.07 6.60
C GLY A 632 3.79 -12.70 5.22
N LEU A 633 3.06 -13.79 4.99
CA LEU A 633 3.07 -14.40 3.67
C LEU A 633 2.46 -13.47 2.63
N CYS A 634 1.37 -12.79 2.98
CA CYS A 634 0.80 -11.80 2.06
C CYS A 634 1.81 -10.72 1.72
N LYS A 635 2.61 -10.29 2.71
CA LYS A 635 3.58 -9.24 2.45
C LYS A 635 4.75 -9.74 1.61
N PHE A 636 5.16 -10.99 1.80
CA PHE A 636 6.17 -11.57 0.91
C PHE A 636 5.63 -11.67 -0.51
N GLY A 637 4.37 -12.06 -0.66
CA GLY A 637 3.75 -12.06 -1.98
C GLY A 637 3.64 -10.68 -2.56
N ALA A 638 3.43 -9.67 -1.73
CA ALA A 638 3.42 -8.29 -2.20
C ALA A 638 4.79 -7.89 -2.71
N ILE A 639 5.85 -8.27 -1.99
CA ILE A 639 7.20 -8.08 -2.48
C ILE A 639 7.34 -8.67 -3.88
N LEU A 640 6.99 -9.95 -4.01
CA LEU A 640 7.14 -10.63 -5.29
C LEU A 640 6.34 -9.92 -6.39
N GLY A 641 5.13 -9.48 -6.07
CA GLY A 641 4.30 -8.83 -7.07
C GLY A 641 4.86 -7.49 -7.51
N ASN A 642 5.20 -6.64 -6.53
CA ASN A 642 5.73 -5.32 -6.85
C ASN A 642 7.12 -5.38 -7.45
N THR A 643 7.82 -6.51 -7.34
CA THR A 643 9.12 -6.66 -7.97
C THR A 643 9.06 -7.37 -9.31
N ILE A 644 7.99 -8.11 -9.58
CA ILE A 644 7.85 -8.84 -10.83
C ILE A 644 7.04 -8.03 -11.83
N PHE A 645 5.81 -7.67 -11.43
CA PHE A 645 4.91 -6.97 -12.36
C PHE A 645 5.52 -5.66 -12.84
N ALA A 646 6.10 -4.89 -11.92
CA ALA A 646 6.72 -3.63 -12.31
C ALA A 646 7.89 -3.82 -13.26
N SER A 647 8.42 -5.04 -13.35
CA SER A 647 9.51 -5.37 -14.26
C SER A 647 9.01 -5.91 -15.58
N PHE A 648 7.75 -5.63 -15.95
CA PHE A 648 7.19 -6.08 -17.21
C PHE A 648 6.33 -4.99 -17.84
N VAL A 649 6.66 -3.72 -17.62
CA VAL A 649 5.89 -2.63 -18.18
C VAL A 649 6.31 -2.27 -19.60
N GLY A 650 7.45 -2.78 -20.06
CA GLY A 650 7.89 -2.54 -21.41
C GLY A 650 8.54 -3.76 -22.05
N ILE A 651 8.29 -4.93 -21.46
CA ILE A 651 8.85 -6.19 -21.95
C ILE A 651 7.77 -7.16 -22.40
N THR A 652 6.69 -7.26 -21.63
CA THR A 652 5.62 -8.21 -21.94
C THR A 652 4.33 -7.73 -21.32
N LYS A 653 3.22 -8.29 -21.81
CA LYS A 653 1.89 -7.93 -21.36
C LYS A 653 1.06 -9.10 -20.88
N VAL A 654 1.47 -10.34 -21.17
CA VAL A 654 0.70 -11.52 -20.81
C VAL A 654 1.35 -12.20 -19.61
N VAL A 655 2.67 -12.09 -19.50
CA VAL A 655 3.41 -12.78 -18.45
C VAL A 655 2.85 -12.40 -17.09
N PRO A 656 2.87 -11.14 -16.69
CA PRO A 656 2.27 -10.78 -15.39
C PRO A 656 0.78 -11.03 -15.33
N ILE A 657 0.05 -10.75 -16.40
CA ILE A 657 -1.39 -11.00 -16.40
C ILE A 657 -1.68 -12.47 -16.19
N LEU A 658 -0.96 -13.34 -16.92
CA LEU A 658 -1.18 -14.77 -16.78
C LEU A 658 -0.76 -15.25 -15.39
N LEU A 659 0.34 -14.72 -14.87
CA LEU A 659 0.75 -15.06 -13.51
C LEU A 659 -0.37 -14.76 -12.53
N ALA A 660 -0.93 -13.56 -12.61
CA ALA A 660 -1.96 -13.16 -11.66
C ALA A 660 -3.22 -14.00 -11.83
N ALA A 661 -3.65 -14.23 -13.07
CA ALA A 661 -4.86 -15.01 -13.30
C ALA A 661 -4.69 -16.44 -12.81
N ALA A 662 -3.55 -17.06 -13.12
CA ALA A 662 -3.30 -18.42 -12.67
C ALA A 662 -3.23 -18.50 -11.15
N SER A 663 -2.57 -17.52 -10.52
CA SER A 663 -2.51 -17.50 -9.06
C SER A 663 -3.88 -17.36 -8.46
N LEU A 664 -4.72 -16.48 -9.02
CA LEU A 664 -6.06 -16.29 -8.48
C LEU A 664 -6.90 -17.55 -8.65
N VAL A 665 -6.79 -18.21 -9.80
CA VAL A 665 -7.56 -19.43 -10.01
C VAL A 665 -7.08 -20.53 -9.07
N GLY A 666 -5.76 -20.67 -8.90
CA GLY A 666 -5.23 -21.68 -8.01
C GLY A 666 -5.47 -21.40 -6.55
N GLY A 667 -5.72 -20.15 -6.18
CA GLY A 667 -6.07 -19.81 -4.82
C GLY A 667 -7.57 -19.83 -4.58
N GLY A 668 -8.36 -19.78 -5.64
CA GLY A 668 -9.80 -19.82 -5.51
C GLY A 668 -10.39 -21.20 -5.63
N LEU A 669 -9.78 -22.05 -6.44
CA LEU A 669 -10.23 -23.43 -6.58
C LEU A 669 -9.64 -24.34 -5.52
N ILE A 670 -8.43 -24.03 -5.04
CA ILE A 670 -7.87 -24.77 -3.92
C ILE A 670 -8.47 -24.33 -2.60
N ALA A 671 -9.02 -23.11 -2.54
CA ALA A 671 -9.72 -22.66 -1.33
C ALA A 671 -11.05 -23.37 -1.14
N LEU A 672 -11.65 -23.89 -2.22
CA LEU A 672 -12.89 -24.63 -2.08
C LEU A 672 -12.72 -25.89 -1.24
N ARG A 673 -11.49 -26.35 -1.06
CA ARG A 673 -11.21 -27.48 -0.18
C ARG A 673 -11.39 -27.13 1.28
N LEU A 674 -11.75 -25.88 1.61
CA LEU A 674 -11.95 -25.48 2.99
C LEU A 674 -13.42 -25.68 3.38
N PRO A 675 -13.70 -25.90 4.66
CA PRO A 675 -15.06 -26.24 5.08
C PRO A 675 -15.91 -24.97 5.22
N GLU A 676 -17.19 -25.20 5.52
CA GLU A 676 -18.12 -24.12 5.79
C GLU A 676 -18.10 -23.79 7.27
N THR A 677 -17.94 -22.50 7.59
CA THR A 677 -17.72 -22.07 8.96
C THR A 677 -18.81 -21.13 9.44
N ARG A 678 -20.08 -21.45 9.16
CA ARG A 678 -21.19 -20.61 9.56
C ARG A 678 -21.74 -21.01 10.94
N GLU A 679 -22.19 -22.26 11.07
CA GLU A 679 -22.72 -22.72 12.34
C GLU A 679 -21.63 -23.03 13.35
N GLN A 680 -20.39 -23.26 12.89
CA GLN A 680 -19.30 -23.52 13.81
C GLN A 680 -19.17 -22.38 14.81
N VAL A 681 -18.93 -22.75 16.07
CA VAL A 681 -18.71 -21.76 17.13
C VAL A 681 -17.35 -21.13 16.94
N LEU A 682 -17.09 -20.03 17.65
CA LEU A 682 -15.81 -19.35 17.53
C LEU A 682 -14.69 -20.19 18.12
N MET A 683 -14.91 -20.75 19.30
CA MET A 683 -13.90 -21.56 19.99
C MET A 683 -12.68 -20.72 20.34
#